data_4QED
#
_entry.id   4QED
#
_cell.length_a   131.424
_cell.length_b   57.278
_cell.length_c   82.438
_cell.angle_alpha   90.00
_cell.angle_beta   121.13
_cell.angle_gamma   90.00
#
_symmetry.space_group_name_H-M   'C 1 2 1'
#
loop_
_entity.id
_entity.type
_entity.pdbx_description
1 polymer ElxO
2 non-polymer 'NADP NICOTINAMIDE-ADENINE-DINUCLEOTIDE PHOSPHATE'
3 non-polymer 'SULFATE ION'
4 water water
#
_entity_poly.entity_id   1
_entity_poly.type   'polypeptide(L)'
_entity_poly.pdbx_seq_one_letter_code
;MKKNVLITGGFKGIGKQVALEFLKNDYHVCITSRYFEKEKRIPHLFSSYEENISFYQLDVTDEEQVNEIINKIVKKFGRL
DVLVNNAGISLSDGLLTETKTTDFNKMINTNILGTYFCMKYALKHMQKVSCGAIVNISSITGLSGFPYSILFGSTKHAVI
GLTKGAAVEFADKGIKINAVAPGIIKTETLQKEIDSGEFSEDSISSIHPMQKLGTTLDVAKGIYFLANEDNNFITGHVLS
IDGGYLSQ
;
_entity_poly.pdbx_strand_id   A,B
#
# COMPACT_ATOMS: atom_id res chain seq x y z
N MET A 1 25.54 7.90 -8.96
CA MET A 1 25.16 6.52 -9.38
C MET A 1 24.02 5.95 -8.52
N LYS A 2 23.78 6.56 -7.36
CA LYS A 2 22.71 6.13 -6.48
C LYS A 2 21.48 7.02 -6.66
N LYS A 3 20.30 6.42 -6.52
CA LYS A 3 19.07 7.19 -6.43
C LYS A 3 19.16 8.15 -5.24
N ASN A 4 18.48 9.28 -5.35
CA ASN A 4 18.57 10.36 -4.37
C ASN A 4 17.20 10.70 -3.79
N VAL A 5 17.14 10.74 -2.46
CA VAL A 5 15.90 11.07 -1.75
C VAL A 5 16.09 12.26 -0.80
N LEU A 6 15.13 13.19 -0.82
CA LEU A 6 15.10 14.27 0.18
C LEU A 6 14.01 13.97 1.19
N ILE A 7 14.38 13.94 2.46
CA ILE A 7 13.41 13.82 3.56
C ILE A 7 13.42 15.12 4.34
N THR A 8 12.24 15.70 4.57
CA THR A 8 12.16 16.87 5.41
C THR A 8 12.19 16.39 6.86
N GLY A 9 13.39 16.39 7.44
CA GLY A 9 13.63 15.75 8.73
C GLY A 9 14.69 14.68 8.58
N GLY A 10 14.73 13.74 9.52
CA GLY A 10 15.66 12.62 9.47
C GLY A 10 16.41 12.38 10.78
N PHE A 11 16.28 13.29 11.72
CA PHE A 11 17.06 13.18 12.96
C PHE A 11 16.31 12.52 14.10
N LYS A 12 14.99 12.40 13.98
CA LYS A 12 14.16 11.80 15.03
C LYS A 12 12.87 11.20 14.46
N GLY A 13 12.19 10.41 15.27
CA GLY A 13 10.88 9.86 14.91
C GLY A 13 10.84 9.09 13.60
N ILE A 14 9.71 9.21 12.91
CA ILE A 14 9.49 8.55 11.63
C ILE A 14 10.60 8.88 10.60
N GLY A 15 10.93 10.17 10.51
CA GLY A 15 11.94 10.64 9.55
C GLY A 15 13.28 9.93 9.65
N LYS A 16 13.74 9.67 10.87
CA LYS A 16 15.02 8.98 11.06
C LYS A 16 14.93 7.56 10.51
N GLN A 17 13.84 6.87 10.81
CA GLN A 17 13.64 5.51 10.32
C GLN A 17 13.46 5.46 8.81
N VAL A 18 12.80 6.47 8.26
CA VAL A 18 12.65 6.60 6.79
C VAL A 18 14.05 6.72 6.16
N ALA A 19 14.90 7.58 6.74
CA ALA A 19 16.29 7.71 6.31
C ALA A 19 16.98 6.34 6.32
N LEU A 20 16.90 5.63 7.45
CA LEU A 20 17.51 4.30 7.57
C LEU A 20 17.01 3.33 6.49
N GLU A 21 15.71 3.34 6.22
CA GLU A 21 15.12 2.41 5.24
C GLU A 21 15.65 2.65 3.82
N PHE A 22 15.74 3.92 3.42
CA PHE A 22 16.28 4.28 2.10
C PHE A 22 17.79 3.99 1.99
N LEU A 23 18.53 4.27 3.07
CA LEU A 23 19.96 3.95 3.15
C LEU A 23 20.20 2.45 2.97
N LYS A 24 19.40 1.62 3.64
CA LYS A 24 19.50 0.16 3.54
C LYS A 24 19.19 -0.35 2.14
N ASN A 25 18.50 0.49 1.36
CA ASN A 25 18.14 0.16 -0.02
C ASN A 25 19.00 0.90 -1.06
N ASP A 26 20.19 1.31 -0.62
CA ASP A 26 21.24 1.85 -1.50
C ASP A 26 20.99 3.26 -2.07
N TYR A 27 20.19 4.07 -1.37
CA TYR A 27 19.96 5.46 -1.80
C TYR A 27 21.00 6.38 -1.19
N HIS A 28 21.26 7.48 -1.88
CA HIS A 28 21.85 8.66 -1.25
C HIS A 28 20.72 9.43 -0.58
N VAL A 29 20.88 9.75 0.71
CA VAL A 29 19.79 10.38 1.46
C VAL A 29 20.16 11.79 1.90
N CYS A 30 19.32 12.75 1.51
CA CYS A 30 19.41 14.12 2.02
C CYS A 30 18.47 14.28 3.20
N ILE A 31 19.04 14.62 4.35
CA ILE A 31 18.24 14.85 5.57
C ILE A 31 18.38 16.29 6.06
N THR A 32 17.37 16.75 6.77
CA THR A 32 17.28 18.15 7.18
C THR A 32 16.92 18.33 8.65
N SER A 33 17.29 19.50 9.17
CA SER A 33 16.85 19.98 10.47
C SER A 33 16.82 21.50 10.38
N ARG A 34 16.00 22.12 11.22
CA ARG A 34 16.03 23.58 11.36
C ARG A 34 17.31 24.01 12.07
N TYR A 35 17.96 23.04 12.74
CA TYR A 35 19.07 23.31 13.65
C TYR A 35 20.38 22.79 13.08
N PHE A 36 21.28 23.71 12.72
CA PHE A 36 22.57 23.31 12.11
C PHE A 36 23.39 22.41 13.02
N GLU A 37 23.18 22.54 14.33
CA GLU A 37 23.93 21.80 15.34
C GLU A 37 23.69 20.29 15.28
N LYS A 38 22.66 19.88 14.55
CA LYS A 38 22.35 18.46 14.42
C LYS A 38 23.29 17.74 13.44
N GLU A 39 23.89 18.48 12.51
CA GLU A 39 24.74 17.87 11.48
C GLU A 39 25.83 16.95 12.09
N LYS A 40 26.44 17.38 13.18
CA LYS A 40 27.51 16.60 13.83
C LYS A 40 27.06 15.26 14.43
N ARG A 41 25.74 15.06 14.53
CA ARG A 41 25.20 13.79 15.05
C ARG A 41 25.25 12.65 14.02
N ILE A 42 25.41 13.01 12.74
CA ILE A 42 25.28 12.04 11.64
C ILE A 42 26.11 10.75 11.78
N PRO A 43 27.42 10.84 12.10
CA PRO A 43 28.24 9.61 12.20
C PRO A 43 27.75 8.64 13.28
N HIS A 44 27.07 9.17 14.29
CA HIS A 44 26.66 8.40 15.44
C HIS A 44 25.24 7.88 15.31
N LEU A 45 24.39 8.66 14.64
CA LEU A 45 23.02 8.21 14.35
C LEU A 45 22.95 7.20 13.22
N PHE A 46 23.91 7.26 12.30
CA PHE A 46 23.86 6.46 11.08
C PHE A 46 25.21 5.79 10.81
N SER A 47 25.69 5.03 11.79
CA SER A 47 27.07 4.49 11.80
C SER A 47 27.69 4.14 10.44
N SER A 48 27.20 3.08 9.80
CA SER A 48 27.84 2.59 8.58
C SER A 48 27.43 3.32 7.28
N TYR A 49 26.55 4.33 7.39
CA TYR A 49 25.94 4.97 6.21
C TYR A 49 26.40 6.41 5.94
N GLU A 50 27.25 6.92 6.84
CA GLU A 50 27.75 8.30 6.81
C GLU A 50 28.03 8.88 5.41
N GLU A 51 28.72 8.10 4.58
CA GLU A 51 29.15 8.56 3.25
C GLU A 51 28.01 8.76 2.25
N ASN A 52 26.82 8.25 2.59
CA ASN A 52 25.66 8.32 1.70
C ASN A 52 24.56 9.27 2.21
N ILE A 53 24.94 10.16 3.12
CA ILE A 53 24.03 11.12 3.73
C ILE A 53 24.54 12.54 3.53
N SER A 54 23.65 13.43 3.12
CA SER A 54 23.97 14.86 3.06
C SER A 54 23.01 15.67 3.92
N PHE A 55 23.57 16.58 4.73
CA PHE A 55 22.79 17.43 5.61
C PHE A 55 22.45 18.79 5.00
N TYR A 56 21.21 19.22 5.18
CA TYR A 56 20.80 20.59 4.84
C TYR A 56 19.98 21.19 5.97
N GLN A 57 20.34 22.41 6.38
CA GLN A 57 19.50 23.18 7.28
C GLN A 57 18.31 23.72 6.48
N LEU A 58 17.11 23.52 7.01
CA LEU A 58 15.88 23.85 6.29
C LEU A 58 14.70 24.03 7.24
N ASP A 59 14.03 25.17 7.13
CA ASP A 59 12.71 25.33 7.71
C ASP A 59 11.70 25.27 6.57
N VAL A 60 10.82 24.27 6.59
CA VAL A 60 9.85 24.08 5.49
C VAL A 60 8.81 25.20 5.37
N THR A 61 8.67 26.01 6.42
CA THR A 61 7.76 27.16 6.37
C THR A 61 8.35 28.36 5.62
N ASP A 62 9.63 28.25 5.26
CA ASP A 62 10.35 29.32 4.56
C ASP A 62 10.44 28.95 3.08
N GLU A 63 9.49 29.46 2.29
CA GLU A 63 9.40 29.09 0.88
C GLU A 63 10.70 29.34 0.11
N GLU A 64 11.33 30.48 0.34
CA GLU A 64 12.58 30.80 -0.35
C GLU A 64 13.67 29.79 -0.03
N GLN A 65 13.74 29.37 1.23
CA GLN A 65 14.74 28.40 1.65
C GLN A 65 14.45 27.03 1.04
N VAL A 66 13.17 26.65 0.98
CA VAL A 66 12.77 25.39 0.33
C VAL A 66 13.27 25.36 -1.14
N ASN A 67 13.00 26.44 -1.87
CA ASN A 67 13.46 26.57 -3.25
C ASN A 67 14.99 26.50 -3.33
N GLU A 68 15.66 27.27 -2.49
CA GLU A 68 17.13 27.27 -2.41
C GLU A 68 17.69 25.86 -2.14
N ILE A 69 17.17 25.17 -1.12
CA ILE A 69 17.69 23.85 -0.73
C ILE A 69 17.47 22.80 -1.81
N ILE A 70 16.29 22.79 -2.40
CA ILE A 70 15.97 21.82 -3.45
C ILE A 70 16.83 22.09 -4.70
N ASN A 71 17.03 23.37 -5.04
CA ASN A 71 17.93 23.73 -6.12
C ASN A 71 19.37 23.26 -5.89
N LYS A 72 19.84 23.41 -4.65
CA LYS A 72 21.20 22.99 -4.26
C LYS A 72 21.38 21.49 -4.43
N ILE A 73 20.40 20.73 -3.95
CA ILE A 73 20.39 19.28 -4.07
C ILE A 73 20.42 18.84 -5.54
N VAL A 74 19.57 19.45 -6.37
CA VAL A 74 19.50 19.12 -7.79
C VAL A 74 20.81 19.47 -8.53
N LYS A 75 21.40 20.61 -8.19
CA LYS A 75 22.69 21.02 -8.75
C LYS A 75 23.81 20.06 -8.37
N LYS A 76 23.89 19.71 -7.09
CA LYS A 76 24.93 18.83 -6.58
C LYS A 76 24.78 17.37 -7.04
N PHE A 77 23.55 16.84 -7.03
CA PHE A 77 23.35 15.41 -7.29
C PHE A 77 22.86 15.08 -8.71
N GLY A 78 22.36 16.09 -9.42
CA GLY A 78 21.88 15.91 -10.79
C GLY A 78 20.61 15.10 -10.91
N ARG A 79 20.00 14.79 -9.77
CA ARG A 79 18.79 13.98 -9.69
C ARG A 79 18.04 14.16 -8.37
N LEU A 80 16.73 13.92 -8.41
CA LEU A 80 15.89 13.92 -7.23
C LEU A 80 14.80 12.89 -7.47
N ASP A 81 15.07 11.65 -7.06
CA ASP A 81 14.16 10.54 -7.34
C ASP A 81 12.93 10.58 -6.45
N VAL A 82 13.14 10.93 -5.19
CA VAL A 82 12.08 10.84 -4.19
C VAL A 82 12.09 12.06 -3.28
N LEU A 83 10.89 12.59 -3.00
CA LEU A 83 10.70 13.54 -1.91
C LEU A 83 9.78 12.91 -0.87
N VAL A 84 10.20 12.91 0.39
CA VAL A 84 9.34 12.52 1.51
C VAL A 84 9.05 13.74 2.39
N ASN A 85 7.81 14.19 2.36
CA ASN A 85 7.36 15.27 3.21
C ASN A 85 7.04 14.77 4.62
N ASN A 86 8.08 14.69 5.43
CA ASN A 86 7.98 14.16 6.80
C ASN A 86 7.70 15.24 7.84
N ALA A 87 8.33 16.41 7.69
CA ALA A 87 8.17 17.52 8.62
C ALA A 87 6.71 17.74 9.00
N GLY A 88 6.40 17.73 10.29
CA GLY A 88 5.05 17.98 10.74
C GLY A 88 4.95 18.09 12.24
N ILE A 89 3.95 18.85 12.69
CA ILE A 89 3.76 19.14 14.11
C ILE A 89 2.30 18.98 14.53
N SER A 90 2.12 18.62 15.79
CA SER A 90 0.80 18.53 16.36
C SER A 90 0.81 19.30 17.66
N LEU A 91 -0.02 20.34 17.72
CA LEU A 91 -0.14 21.17 18.92
C LEU A 91 -1.51 20.87 19.50
N SER A 92 -1.55 19.82 20.30
CA SER A 92 -2.78 19.19 20.76
C SER A 92 -3.36 19.90 21.98
N ASP A 93 -4.33 20.76 21.72
CA ASP A 93 -5.08 21.44 22.77
C ASP A 93 -6.25 20.56 23.26
N GLY A 94 -7.27 21.19 23.83
CA GLY A 94 -8.45 20.48 24.31
C GLY A 94 -9.55 20.53 23.27
N LEU A 95 -10.75 20.88 23.71
CA LEU A 95 -11.90 20.95 22.81
C LEU A 95 -11.76 22.09 21.81
N LEU A 96 -12.50 22.01 20.71
CA LEU A 96 -12.43 22.98 19.61
C LEU A 96 -12.64 24.43 20.03
N THR A 97 -13.61 24.62 20.93
CA THR A 97 -13.95 25.95 21.42
C THR A 97 -12.84 26.59 22.27
N GLU A 98 -11.88 25.77 22.73
CA GLU A 98 -10.77 26.25 23.55
C GLU A 98 -9.43 26.32 22.82
N THR A 99 -9.44 25.93 21.54
CA THR A 99 -8.19 25.88 20.76
C THR A 99 -7.68 27.29 20.46
N LYS A 100 -6.37 27.40 20.26
CA LYS A 100 -5.74 28.68 19.95
C LYS A 100 -5.53 28.83 18.44
N THR A 101 -5.95 29.97 17.90
CA THR A 101 -5.75 30.27 16.49
C THR A 101 -4.27 30.23 16.11
N THR A 102 -3.41 30.70 17.01
CA THR A 102 -1.96 30.65 16.80
C THR A 102 -1.45 29.21 16.62
N ASP A 103 -2.02 28.28 17.38
CA ASP A 103 -1.71 26.85 17.21
C ASP A 103 -2.11 26.34 15.83
N PHE A 104 -3.32 26.69 15.40
CA PHE A 104 -3.83 26.26 14.10
C PHE A 104 -2.91 26.80 12.99
N ASN A 105 -2.57 28.08 13.06
CA ASN A 105 -1.72 28.69 12.05
C ASN A 105 -0.35 28.04 11.97
N LYS A 106 0.23 27.68 13.11
CA LYS A 106 1.51 26.98 13.13
C LYS A 106 1.39 25.61 12.45
N MET A 107 0.33 24.87 12.75
CA MET A 107 0.12 23.58 12.10
C MET A 107 -0.13 23.72 10.60
N ILE A 108 -0.89 24.73 10.21
CA ILE A 108 -1.14 25.03 8.79
C ILE A 108 0.19 25.33 8.09
N ASN A 109 0.97 26.23 8.67
CA ASN A 109 2.25 26.63 8.09
C ASN A 109 3.18 25.45 7.86
N THR A 110 3.37 24.63 8.89
CA THR A 110 4.28 23.50 8.78
C THR A 110 3.66 22.34 7.98
N ASN A 111 2.48 21.90 8.39
CA ASN A 111 1.89 20.69 7.81
C ASN A 111 1.34 20.87 6.39
N ILE A 112 0.69 22.01 6.13
CA ILE A 112 0.12 22.24 4.81
C ILE A 112 1.11 23.01 3.93
N LEU A 113 1.48 24.22 4.35
CA LEU A 113 2.35 25.06 3.50
C LEU A 113 3.73 24.46 3.29
N GLY A 114 4.33 23.90 4.35
CA GLY A 114 5.62 23.22 4.21
C GLY A 114 5.60 22.11 3.16
N THR A 115 4.56 21.28 3.21
CA THR A 115 4.39 20.19 2.26
C THR A 115 4.13 20.73 0.84
N TYR A 116 3.28 21.75 0.75
CA TYR A 116 3.04 22.43 -0.53
C TYR A 116 4.31 23.02 -1.16
N PHE A 117 5.11 23.75 -0.36
CA PHE A 117 6.35 24.34 -0.88
C PHE A 117 7.30 23.27 -1.42
N CYS A 118 7.55 22.24 -0.61
CA CYS A 118 8.43 21.14 -1.03
C CYS A 118 7.94 20.44 -2.31
N MET A 119 6.65 20.14 -2.37
CA MET A 119 6.02 19.60 -3.59
C MET A 119 6.22 20.53 -4.78
N LYS A 120 5.94 21.81 -4.57
CA LYS A 120 5.96 22.83 -5.64
C LYS A 120 7.32 22.88 -6.35
N TYR A 121 8.38 22.93 -5.56
CA TYR A 121 9.73 23.04 -6.14
C TYR A 121 10.34 21.71 -6.56
N ALA A 122 9.96 20.63 -5.88
CA ALA A 122 10.38 19.30 -6.34
C ALA A 122 9.79 18.95 -7.71
N LEU A 123 8.51 19.26 -7.90
CA LEU A 123 7.81 18.95 -9.15
C LEU A 123 8.31 19.77 -10.33
N LYS A 124 8.82 20.97 -10.04
CA LYS A 124 9.47 21.80 -11.07
C LYS A 124 10.61 21.04 -11.72
N HIS A 125 11.39 20.34 -10.91
CA HIS A 125 12.52 19.53 -11.40
C HIS A 125 12.06 18.19 -11.95
N MET A 126 11.19 17.49 -11.22
CA MET A 126 10.68 16.18 -11.66
C MET A 126 9.96 16.22 -13.01
N GLN A 127 9.20 17.30 -13.24
CA GLN A 127 8.53 17.59 -14.52
C GLN A 127 9.48 17.49 -15.70
N LYS A 128 10.67 18.07 -15.54
CA LYS A 128 11.68 18.12 -16.60
C LYS A 128 12.18 16.74 -17.06
N VAL A 129 12.15 15.76 -16.16
CA VAL A 129 12.67 14.42 -16.45
C VAL A 129 11.56 13.36 -16.54
N SER A 130 10.32 13.81 -16.35
CA SER A 130 9.15 12.92 -16.39
C SER A 130 9.32 11.65 -15.54
N CYS A 131 9.83 11.81 -14.33
CA CYS A 131 9.87 10.72 -13.35
C CYS A 131 10.13 11.25 -11.95
N GLY A 132 9.88 10.43 -10.95
CA GLY A 132 9.97 10.85 -9.56
C GLY A 132 8.83 10.31 -8.74
N ALA A 133 9.01 10.31 -7.42
CA ALA A 133 7.96 9.91 -6.50
C ALA A 133 7.94 10.88 -5.32
N ILE A 134 6.74 11.24 -4.89
CA ILE A 134 6.57 12.03 -3.68
C ILE A 134 5.71 11.20 -2.74
N VAL A 135 6.11 11.13 -1.47
CA VAL A 135 5.26 10.51 -0.45
C VAL A 135 5.02 11.53 0.65
N ASN A 136 3.76 11.88 0.84
CA ASN A 136 3.35 12.80 1.89
C ASN A 136 2.91 12.02 3.12
N ILE A 137 3.03 12.62 4.29
CA ILE A 137 2.57 11.95 5.50
C ILE A 137 1.33 12.65 6.02
N SER A 138 0.21 11.93 5.95
CA SER A 138 -1.04 12.40 6.52
C SER A 138 -1.18 11.75 7.90
N SER A 139 -2.36 11.20 8.17
CA SER A 139 -2.68 10.60 9.47
C SER A 139 -4.05 9.95 9.36
N ILE A 140 -4.37 9.03 10.28
CA ILE A 140 -5.77 8.58 10.41
C ILE A 140 -6.71 9.78 10.62
N THR A 141 -6.22 10.84 11.25
CA THR A 141 -7.04 12.04 11.50
C THR A 141 -7.26 12.84 10.20
N GLY A 142 -6.57 12.44 9.14
CA GLY A 142 -6.76 13.03 7.82
C GLY A 142 -7.89 12.38 7.04
N LEU A 143 -8.47 11.33 7.63
CA LEU A 143 -9.53 10.53 6.99
C LEU A 143 -10.70 10.25 7.95
N SER A 144 -10.64 10.80 9.16
CA SER A 144 -11.68 10.57 10.16
C SER A 144 -11.71 11.73 11.15
N GLY A 145 -12.80 11.83 11.91
CA GLY A 145 -12.92 12.86 12.94
C GLY A 145 -12.38 12.34 14.25
N PHE A 146 -11.45 13.09 14.86
CA PHE A 146 -10.73 12.64 16.04
C PHE A 146 -10.78 13.73 17.12
N PRO A 147 -11.66 13.56 18.13
CA PRO A 147 -11.79 14.56 19.20
C PRO A 147 -10.44 14.94 19.80
N TYR A 148 -10.29 16.23 20.12
CA TYR A 148 -9.05 16.83 20.66
C TYR A 148 -7.91 16.95 19.66
N SER A 149 -8.10 16.39 18.46
CA SER A 149 -7.11 16.53 17.38
C SER A 149 -7.76 17.06 16.09
N ILE A 150 -8.81 17.86 16.26
CA ILE A 150 -9.57 18.38 15.13
C ILE A 150 -8.70 19.23 14.21
N LEU A 151 -7.94 20.13 14.79
CA LEU A 151 -7.18 21.09 13.98
C LEU A 151 -6.04 20.37 13.27
N PHE A 152 -5.32 19.52 13.99
CA PHE A 152 -4.29 18.67 13.40
C PHE A 152 -4.89 17.85 12.26
N GLY A 153 -6.04 17.24 12.51
CA GLY A 153 -6.72 16.44 11.50
C GLY A 153 -7.10 17.24 10.27
N SER A 154 -7.51 18.49 10.49
CA SER A 154 -7.84 19.38 9.37
C SER A 154 -6.63 19.60 8.47
N THR A 155 -5.45 19.77 9.07
CA THR A 155 -4.23 19.98 8.28
C THR A 155 -3.88 18.70 7.52
N LYS A 156 -4.10 17.55 8.15
CA LYS A 156 -3.78 16.28 7.51
C LYS A 156 -4.79 15.90 6.41
N HIS A 157 -6.03 16.38 6.53
CA HIS A 157 -7.04 16.30 5.46
C HIS A 157 -6.54 17.11 4.25
N ALA A 158 -6.06 18.32 4.54
CA ALA A 158 -5.52 19.20 3.50
C ALA A 158 -4.34 18.56 2.76
N VAL A 159 -3.49 17.85 3.52
CA VAL A 159 -2.39 17.09 2.93
C VAL A 159 -2.87 16.03 1.93
N ILE A 160 -3.92 15.29 2.29
CA ILE A 160 -4.52 14.34 1.36
C ILE A 160 -5.02 15.06 0.10
N GLY A 161 -5.61 16.25 0.27
CA GLY A 161 -6.03 17.08 -0.86
C GLY A 161 -4.90 17.44 -1.81
N LEU A 162 -3.77 17.87 -1.26
CA LEU A 162 -2.58 18.18 -2.06
C LEU A 162 -2.05 16.96 -2.79
N THR A 163 -2.08 15.81 -2.10
CA THR A 163 -1.64 14.53 -2.65
C THR A 163 -2.48 14.12 -3.87
N LYS A 164 -3.80 14.05 -3.71
CA LYS A 164 -4.70 13.58 -4.76
C LYS A 164 -4.73 14.54 -5.96
N GLY A 165 -4.82 15.84 -5.65
CA GLY A 165 -4.78 16.89 -6.66
C GLY A 165 -3.55 16.81 -7.54
N ALA A 166 -2.38 16.80 -6.91
CA ALA A 166 -1.10 16.73 -7.64
C ALA A 166 -0.95 15.41 -8.39
N ALA A 167 -1.38 14.32 -7.78
CA ALA A 167 -1.31 13.01 -8.42
C ALA A 167 -2.02 13.02 -9.77
N VAL A 168 -3.26 13.50 -9.78
CA VAL A 168 -4.05 13.52 -11.01
C VAL A 168 -3.42 14.48 -12.02
N GLU A 169 -2.88 15.59 -11.52
CA GLU A 169 -2.26 16.59 -12.37
C GLU A 169 -0.95 16.11 -13.03
N PHE A 170 -0.16 15.33 -12.30
CA PHE A 170 1.13 14.84 -12.79
C PHE A 170 1.14 13.38 -13.23
N ALA A 171 -0.03 12.75 -13.27
CA ALA A 171 -0.14 11.32 -13.57
C ALA A 171 0.39 10.97 -14.96
N ASP A 172 0.11 11.83 -15.94
CA ASP A 172 0.58 11.61 -17.32
C ASP A 172 2.03 12.01 -17.52
N LYS A 173 2.66 12.55 -16.47
CA LYS A 173 4.08 12.92 -16.52
C LYS A 173 4.98 11.87 -15.85
N GLY A 174 4.39 10.71 -15.50
CA GLY A 174 5.13 9.58 -14.95
C GLY A 174 5.62 9.75 -13.51
N ILE A 175 5.03 10.70 -12.79
CA ILE A 175 5.40 10.97 -11.41
C ILE A 175 4.34 10.37 -10.51
N LYS A 176 4.75 9.62 -9.49
CA LYS A 176 3.85 9.04 -8.51
C LYS A 176 3.77 9.91 -7.26
N ILE A 177 2.55 10.20 -6.82
CA ILE A 177 2.37 11.05 -5.65
C ILE A 177 1.33 10.40 -4.74
N ASN A 178 1.79 9.98 -3.56
CA ASN A 178 0.96 9.20 -2.65
C ASN A 178 1.15 9.71 -1.22
N ALA A 179 0.34 9.19 -0.30
CA ALA A 179 0.47 9.58 1.10
C ALA A 179 0.38 8.33 1.95
N VAL A 180 0.93 8.41 3.17
CA VAL A 180 0.65 7.40 4.17
C VAL A 180 -0.19 8.04 5.27
N ALA A 181 -1.08 7.25 5.88
CA ALA A 181 -1.91 7.73 6.99
C ALA A 181 -1.62 6.87 8.21
N PRO A 182 -0.62 7.27 9.03
CA PRO A 182 -0.30 6.48 10.21
C PRO A 182 -1.34 6.62 11.31
N GLY A 183 -1.54 5.54 12.06
CA GLY A 183 -2.23 5.60 13.35
C GLY A 183 -1.27 6.20 14.37
N ILE A 184 -1.42 5.84 15.65
CA ILE A 184 -0.51 6.36 16.68
C ILE A 184 0.81 5.56 16.64
N ILE A 185 1.91 6.28 16.45
CA ILE A 185 3.22 5.66 16.23
C ILE A 185 4.11 5.88 17.45
N LYS A 186 4.75 4.82 17.92
CA LYS A 186 5.65 4.90 19.07
C LYS A 186 7.02 5.50 18.68
N THR A 187 7.09 6.82 18.68
CA THR A 187 8.35 7.52 18.47
C THR A 187 9.07 7.70 19.81
N GLU A 188 10.30 8.22 19.77
CA GLU A 188 11.05 8.59 20.98
C GLU A 188 10.23 9.48 21.92
N THR A 189 9.61 10.51 21.33
CA THR A 189 8.75 11.45 22.06
C THR A 189 7.64 10.73 22.85
N LEU A 190 6.95 9.81 22.17
CA LEU A 190 5.90 9.03 22.81
C LEU A 190 6.44 8.00 23.80
N GLN A 191 7.55 7.35 23.45
CA GLN A 191 8.17 6.32 24.31
C GLN A 191 8.56 6.85 25.67
N LYS A 192 9.02 8.10 25.72
CA LYS A 192 9.40 8.73 26.97
C LYS A 192 8.19 9.26 27.75
N GLU A 193 7.08 9.50 27.05
CA GLU A 193 5.82 9.84 27.71
C GLU A 193 5.18 8.61 28.34
N ILE A 194 5.43 7.45 27.74
CA ILE A 194 5.04 6.17 28.30
C ILE A 194 5.97 5.82 29.48
N ASP A 195 7.26 6.04 29.28
CA ASP A 195 8.28 5.79 30.31
C ASP A 195 8.14 6.68 31.55
N SER A 196 7.60 7.89 31.37
CA SER A 196 7.37 8.82 32.49
C SER A 196 6.05 8.54 33.22
N GLY A 197 5.29 7.58 32.71
CA GLY A 197 4.08 7.12 33.38
C GLY A 197 2.83 7.98 33.21
N GLU A 198 2.95 9.09 32.49
CA GLU A 198 1.81 9.98 32.24
C GLU A 198 0.85 9.42 31.18
N PHE A 199 1.29 8.38 30.47
CA PHE A 199 0.46 7.65 29.51
C PHE A 199 0.74 6.15 29.57
N SER A 200 -0.33 5.36 29.67
CA SER A 200 -0.23 3.91 29.58
C SER A 200 -0.17 3.49 28.11
N GLU A 201 0.73 2.57 27.78
CA GLU A 201 0.84 2.06 26.42
C GLU A 201 -0.44 1.32 26.00
N ASP A 202 -0.90 0.41 26.85
CA ASP A 202 -2.13 -0.36 26.60
C ASP A 202 -3.36 0.54 26.46
N SER A 203 -3.38 1.66 27.18
CA SER A 203 -4.46 2.63 27.09
C SER A 203 -4.65 3.18 25.66
N ILE A 204 -3.57 3.71 25.07
CA ILE A 204 -3.67 4.23 23.70
C ILE A 204 -3.49 3.17 22.61
N SER A 205 -2.91 2.02 22.97
CA SER A 205 -2.85 0.87 22.06
C SER A 205 -4.24 0.41 21.64
N SER A 206 -5.17 0.43 22.61
CA SER A 206 -6.54 -0.05 22.42
C SER A 206 -7.31 0.70 21.33
N ILE A 207 -6.84 1.89 20.98
CA ILE A 207 -7.37 2.69 19.87
C ILE A 207 -7.37 1.93 18.53
N HIS A 208 -6.34 1.11 18.28
CA HIS A 208 -6.24 0.31 17.06
C HIS A 208 -6.78 -1.11 17.27
N PRO A 209 -7.50 -1.66 16.27
CA PRO A 209 -7.96 -3.05 16.33
C PRO A 209 -6.86 -4.08 16.61
N MET A 210 -5.65 -3.86 16.09
CA MET A 210 -4.54 -4.76 16.36
C MET A 210 -4.01 -4.70 17.79
N GLN A 211 -4.54 -3.76 18.59
CA GLN A 211 -4.22 -3.64 20.03
C GLN A 211 -2.73 -3.47 20.33
N LYS A 212 -2.03 -2.76 19.44
CA LYS A 212 -0.65 -2.38 19.66
C LYS A 212 -0.43 -1.02 18.96
N LEU A 213 0.65 -0.34 19.30
CA LEU A 213 1.01 0.90 18.61
C LEU A 213 1.73 0.60 17.32
N GLY A 214 1.73 1.55 16.40
CA GLY A 214 2.58 1.46 15.22
C GLY A 214 4.02 1.78 15.57
N THR A 215 4.93 1.31 14.73
CA THR A 215 6.35 1.63 14.88
C THR A 215 6.79 2.54 13.75
N THR A 216 7.91 3.24 13.95
CA THR A 216 8.48 4.07 12.89
C THR A 216 8.85 3.22 11.67
N LEU A 217 9.22 1.96 11.92
CA LEU A 217 9.54 1.03 10.84
C LEU A 217 8.30 0.68 9.99
N ASP A 218 7.15 0.47 10.64
CA ASP A 218 5.88 0.28 9.93
C ASP A 218 5.71 1.40 8.90
N VAL A 219 5.83 2.63 9.36
CA VAL A 219 5.62 3.81 8.50
C VAL A 219 6.70 3.89 7.41
N ALA A 220 7.96 3.70 7.78
CA ALA A 220 9.08 3.73 6.84
C ALA A 220 8.94 2.70 5.72
N LYS A 221 8.46 1.51 6.06
CA LYS A 221 8.25 0.46 5.06
C LYS A 221 7.17 0.84 4.06
N GLY A 222 6.08 1.43 4.55
CA GLY A 222 4.97 1.86 3.68
C GLY A 222 5.44 2.95 2.73
N ILE A 223 6.13 3.95 3.29
CA ILE A 223 6.69 5.03 2.50
C ILE A 223 7.63 4.49 1.43
N TYR A 224 8.52 3.58 1.81
CA TYR A 224 9.47 3.00 0.86
C TYR A 224 8.75 2.28 -0.28
N PHE A 225 7.74 1.48 0.05
CA PHE A 225 6.97 0.78 -0.97
C PHE A 225 6.38 1.75 -2.01
N LEU A 226 5.84 2.87 -1.55
CA LEU A 226 5.20 3.85 -2.45
C LEU A 226 6.22 4.64 -3.27
N ALA A 227 7.46 4.70 -2.80
CA ALA A 227 8.49 5.55 -3.40
C ALA A 227 9.45 4.84 -4.34
N ASN A 228 9.62 3.53 -4.17
CA ASN A 228 10.69 2.81 -4.89
C ASN A 228 10.42 2.66 -6.40
N GLU A 229 11.43 2.24 -7.17
CA GLU A 229 11.32 2.20 -8.64
C GLU A 229 10.31 1.17 -9.14
N ASP A 230 9.91 0.24 -8.28
CA ASP A 230 8.97 -0.80 -8.67
C ASP A 230 7.50 -0.38 -8.55
N ASN A 231 7.26 0.83 -8.04
CA ASN A 231 5.94 1.43 -8.11
C ASN A 231 5.76 2.15 -9.45
N ASN A 232 5.07 1.48 -10.37
CA ASN A 232 4.79 2.01 -11.70
C ASN A 232 3.34 2.46 -11.88
N PHE A 233 2.46 2.12 -10.95
CA PHE A 233 1.01 2.28 -11.22
C PHE A 233 0.20 2.69 -10.00
N ILE A 234 0.87 2.97 -8.88
CA ILE A 234 0.15 3.45 -7.70
C ILE A 234 0.37 4.94 -7.55
N THR A 235 -0.72 5.70 -7.66
CA THR A 235 -0.65 7.15 -7.45
C THR A 235 -2.00 7.69 -6.98
N GLY A 236 -1.94 8.79 -6.24
CA GLY A 236 -3.14 9.39 -5.67
C GLY A 236 -3.72 8.62 -4.48
N HIS A 237 -2.95 7.68 -3.96
CA HIS A 237 -3.46 6.75 -2.94
C HIS A 237 -2.97 7.15 -1.55
N VAL A 238 -3.81 6.87 -0.56
CA VAL A 238 -3.44 7.07 0.84
C VAL A 238 -3.40 5.70 1.50
N LEU A 239 -2.20 5.26 1.85
CA LEU A 239 -1.96 3.98 2.47
C LEU A 239 -2.12 4.07 3.98
N SER A 240 -3.14 3.41 4.51
CA SER A 240 -3.36 3.39 5.96
C SER A 240 -2.36 2.48 6.65
N ILE A 241 -1.68 2.98 7.67
CA ILE A 241 -0.72 2.19 8.43
C ILE A 241 -1.15 2.36 9.89
N ASP A 242 -2.19 1.62 10.27
CA ASP A 242 -3.03 2.01 11.40
C ASP A 242 -3.60 0.85 12.21
N GLY A 243 -3.07 -0.35 12.02
CA GLY A 243 -3.55 -1.54 12.73
C GLY A 243 -5.05 -1.76 12.60
N GLY A 244 -5.61 -1.34 11.46
CA GLY A 244 -7.03 -1.55 11.17
C GLY A 244 -7.96 -0.40 11.55
N TYR A 245 -7.41 0.68 12.11
CA TYR A 245 -8.24 1.78 12.62
C TYR A 245 -9.32 2.25 11.64
N LEU A 246 -8.92 2.56 10.41
CA LEU A 246 -9.83 3.16 9.44
C LEU A 246 -10.81 2.16 8.80
N SER A 247 -10.58 0.87 9.02
CA SER A 247 -11.45 -0.17 8.48
C SER A 247 -12.70 -0.43 9.34
N GLN A 248 -12.70 0.10 10.56
CA GLN A 248 -13.90 0.11 11.41
C GLN A 248 -14.61 1.45 11.27
N MET B 1 10.47 -25.57 5.81
CA MET B 1 11.49 -24.52 6.11
C MET B 1 11.18 -23.18 5.41
N LYS B 2 10.46 -23.23 4.30
CA LYS B 2 10.07 -22.02 3.61
C LYS B 2 8.68 -21.60 4.06
N LYS B 3 8.43 -20.29 4.02
CA LYS B 3 7.07 -19.76 4.19
C LYS B 3 6.20 -20.33 3.07
N ASN B 4 4.92 -20.50 3.34
CA ASN B 4 4.01 -21.22 2.44
C ASN B 4 2.83 -20.34 2.07
N VAL B 5 2.59 -20.20 0.77
CA VAL B 5 1.45 -19.41 0.27
C VAL B 5 0.53 -20.23 -0.63
N LEU B 6 -0.78 -20.10 -0.41
CA LEU B 6 -1.78 -20.66 -1.32
C LEU B 6 -2.36 -19.53 -2.18
N ILE B 7 -2.31 -19.74 -3.49
CA ILE B 7 -2.93 -18.84 -4.45
C ILE B 7 -4.03 -19.60 -5.16
N THR B 8 -5.23 -19.03 -5.19
CA THR B 8 -6.31 -19.63 -5.96
C THR B 8 -6.11 -19.22 -7.42
N GLY B 9 -5.34 -20.03 -8.13
CA GLY B 9 -4.87 -19.72 -9.48
C GLY B 9 -3.37 -19.95 -9.55
N GLY B 10 -2.74 -19.38 -10.58
CA GLY B 10 -1.28 -19.45 -10.72
C GLY B 10 -0.83 -19.75 -12.14
N PHE B 11 -1.77 -20.09 -13.01
CA PHE B 11 -1.41 -20.55 -14.35
C PHE B 11 -1.57 -19.51 -15.44
N LYS B 12 -2.28 -18.42 -15.13
CA LYS B 12 -2.50 -17.35 -16.11
C LYS B 12 -2.72 -16.02 -15.39
N GLY B 13 -2.68 -14.94 -16.17
CA GLY B 13 -3.00 -13.61 -15.67
C GLY B 13 -2.27 -13.20 -14.40
N ILE B 14 -2.99 -12.48 -13.55
CA ILE B 14 -2.42 -11.94 -12.31
C ILE B 14 -1.85 -13.05 -11.43
N GLY B 15 -2.57 -14.16 -11.31
CA GLY B 15 -2.19 -15.27 -10.43
C GLY B 15 -0.82 -15.86 -10.71
N LYS B 16 -0.45 -15.93 -11.99
CA LYS B 16 0.85 -16.48 -12.38
C LYS B 16 1.97 -15.57 -11.92
N GLN B 17 1.78 -14.27 -12.12
CA GLN B 17 2.75 -13.27 -11.71
C GLN B 17 2.86 -13.22 -10.18
N VAL B 18 1.75 -13.40 -9.48
CA VAL B 18 1.76 -13.51 -8.01
C VAL B 18 2.61 -14.71 -7.59
N ALA B 19 2.38 -15.86 -8.25
CA ALA B 19 3.19 -17.06 -8.03
C ALA B 19 4.67 -16.71 -8.17
N LEU B 20 5.03 -16.15 -9.31
CA LEU B 20 6.42 -15.75 -9.59
C LEU B 20 6.99 -14.81 -8.53
N GLU B 21 6.20 -13.84 -8.08
CA GLU B 21 6.69 -12.87 -7.08
C GLU B 21 7.03 -13.54 -5.76
N PHE B 22 6.18 -14.43 -5.27
CA PHE B 22 6.46 -15.16 -4.02
C PHE B 22 7.64 -16.12 -4.16
N LEU B 23 7.73 -16.81 -5.30
CA LEU B 23 8.87 -17.69 -5.59
C LEU B 23 10.21 -16.94 -5.55
N LYS B 24 10.25 -15.75 -6.15
CA LYS B 24 11.46 -14.92 -6.13
C LYS B 24 11.81 -14.47 -4.71
N ASN B 25 10.85 -14.54 -3.82
CA ASN B 25 11.07 -14.17 -2.42
C ASN B 25 11.17 -15.36 -1.47
N ASP B 26 11.57 -16.50 -2.03
CA ASP B 26 11.93 -17.70 -1.26
C ASP B 26 10.74 -18.43 -0.60
N TYR B 27 9.54 -18.29 -1.15
CA TYR B 27 8.37 -19.01 -0.62
C TYR B 27 8.19 -20.35 -1.32
N HIS B 28 7.60 -21.31 -0.60
CA HIS B 28 6.97 -22.45 -1.23
C HIS B 28 5.56 -22.03 -1.66
N VAL B 29 5.22 -22.27 -2.91
CA VAL B 29 3.98 -21.75 -3.45
C VAL B 29 3.05 -22.89 -3.85
N CYS B 30 1.82 -22.87 -3.31
CA CYS B 30 0.77 -23.77 -3.76
C CYS B 30 -0.08 -23.02 -4.80
N ILE B 31 -0.16 -23.60 -5.99
CA ILE B 31 -0.95 -23.01 -7.09
C ILE B 31 -2.06 -23.97 -7.50
N THR B 32 -3.16 -23.41 -8.00
CA THR B 32 -4.33 -24.23 -8.30
C THR B 32 -4.91 -23.97 -9.70
N SER B 33 -5.66 -24.96 -10.17
CA SER B 33 -6.50 -24.82 -11.34
C SER B 33 -7.70 -25.72 -11.11
N ARG B 34 -8.81 -25.42 -11.79
CA ARG B 34 -9.94 -26.34 -11.85
C ARG B 34 -9.60 -27.55 -12.70
N TYR B 35 -8.53 -27.43 -13.49
CA TYR B 35 -8.18 -28.42 -14.52
C TYR B 35 -6.90 -29.16 -14.16
N PHE B 36 -7.02 -30.44 -13.82
CA PHE B 36 -5.88 -31.23 -13.38
C PHE B 36 -4.77 -31.29 -14.45
N GLU B 37 -5.14 -31.10 -15.71
CA GLU B 37 -4.19 -31.22 -16.83
C GLU B 37 -3.10 -30.13 -16.76
N LYS B 38 -3.40 -29.04 -16.06
CA LYS B 38 -2.46 -27.93 -15.99
C LYS B 38 -1.19 -28.25 -15.18
N GLU B 39 -1.25 -29.24 -14.31
CA GLU B 39 -0.08 -29.60 -13.49
C GLU B 39 1.17 -29.87 -14.34
N LYS B 40 1.00 -30.55 -15.48
CA LYS B 40 2.13 -30.90 -16.35
C LYS B 40 2.85 -29.68 -16.97
N ARG B 41 2.21 -28.51 -16.94
CA ARG B 41 2.79 -27.27 -17.48
C ARG B 41 3.87 -26.68 -16.58
N ILE B 42 3.87 -27.09 -15.31
CA ILE B 42 4.69 -26.42 -14.29
C ILE B 42 6.19 -26.32 -14.60
N PRO B 43 6.83 -27.43 -15.04
CA PRO B 43 8.28 -27.32 -15.32
C PRO B 43 8.58 -26.36 -16.47
N HIS B 44 7.58 -26.07 -17.28
CA HIS B 44 7.74 -25.22 -18.44
C HIS B 44 7.36 -23.77 -18.18
N LEU B 45 6.34 -23.55 -17.36
CA LEU B 45 5.96 -22.21 -16.97
C LEU B 45 6.89 -21.63 -15.91
N PHE B 46 7.39 -22.49 -15.04
CA PHE B 46 8.17 -22.06 -13.88
C PHE B 46 9.55 -22.72 -13.86
N SER B 47 10.23 -22.68 -15.00
CA SER B 47 11.47 -23.48 -15.26
C SER B 47 12.41 -23.75 -14.09
N SER B 48 12.78 -22.72 -13.35
CA SER B 48 13.79 -22.88 -12.29
C SER B 48 13.20 -22.97 -10.88
N TYR B 49 11.86 -23.02 -10.79
CA TYR B 49 11.18 -22.94 -9.49
C TYR B 49 10.38 -24.19 -9.09
N GLU B 50 10.30 -25.20 -9.98
CA GLU B 50 9.38 -26.34 -9.78
C GLU B 50 9.50 -27.05 -8.45
N GLU B 51 10.72 -27.11 -7.91
CA GLU B 51 10.96 -27.75 -6.62
C GLU B 51 10.26 -27.03 -5.47
N ASN B 52 9.87 -25.78 -5.73
CA ASN B 52 9.22 -24.95 -4.72
C ASN B 52 7.74 -24.68 -5.01
N ILE B 53 7.16 -25.49 -5.90
CA ILE B 53 5.77 -25.36 -6.32
C ILE B 53 5.02 -26.66 -6.03
N SER B 54 3.82 -26.54 -5.44
CA SER B 54 2.89 -27.67 -5.32
C SER B 54 1.56 -27.37 -6.00
N PHE B 55 1.06 -28.34 -6.78
CA PHE B 55 -0.21 -28.17 -7.50
C PHE B 55 -1.38 -28.82 -6.78
N TYR B 56 -2.49 -28.10 -6.71
CA TYR B 56 -3.75 -28.64 -6.23
C TYR B 56 -4.87 -28.29 -7.19
N GLN B 57 -5.69 -29.28 -7.51
CA GLN B 57 -6.90 -29.03 -8.27
C GLN B 57 -7.93 -28.46 -7.31
N LEU B 58 -8.50 -27.31 -7.68
CA LEU B 58 -9.46 -26.63 -6.82
C LEU B 58 -10.45 -25.79 -7.62
N ASP B 59 -11.73 -26.00 -7.30
CA ASP B 59 -12.80 -25.11 -7.74
C ASP B 59 -13.28 -24.39 -6.50
N VAL B 60 -13.02 -23.08 -6.42
CA VAL B 60 -13.35 -22.32 -5.21
C VAL B 60 -14.85 -22.22 -4.90
N THR B 61 -15.70 -22.52 -5.89
CA THR B 61 -17.16 -22.54 -5.65
C THR B 61 -17.62 -23.80 -4.92
N ASP B 62 -16.73 -24.78 -4.77
CA ASP B 62 -17.03 -26.05 -4.10
C ASP B 62 -16.51 -25.98 -2.65
N GLU B 63 -17.38 -25.66 -1.70
CA GLU B 63 -16.92 -25.45 -0.32
C GLU B 63 -16.21 -26.70 0.24
N GLU B 64 -16.77 -27.87 -0.04
CA GLU B 64 -16.19 -29.13 0.40
C GLU B 64 -14.74 -29.26 -0.09
N GLN B 65 -14.52 -28.98 -1.38
CA GLN B 65 -13.18 -29.07 -1.95
C GLN B 65 -12.21 -28.04 -1.36
N VAL B 66 -12.71 -26.84 -1.09
CA VAL B 66 -11.90 -25.78 -0.46
C VAL B 66 -11.38 -26.27 0.90
N ASN B 67 -12.27 -26.83 1.72
CA ASN B 67 -11.90 -27.38 3.00
C ASN B 67 -10.89 -28.53 2.88
N GLU B 68 -11.15 -29.45 1.94
CA GLU B 68 -10.26 -30.57 1.67
C GLU B 68 -8.86 -30.09 1.28
N ILE B 69 -8.78 -29.16 0.33
CA ILE B 69 -7.49 -28.71 -0.19
C ILE B 69 -6.68 -27.97 0.88
N ILE B 70 -7.32 -27.07 1.61
CA ILE B 70 -6.65 -26.33 2.68
C ILE B 70 -6.19 -27.28 3.81
N ASN B 71 -7.00 -28.29 4.11
CA ASN B 71 -6.59 -29.33 5.07
C ASN B 71 -5.36 -30.11 4.62
N LYS B 72 -5.34 -30.49 3.34
CA LYS B 72 -4.21 -31.23 2.76
C LYS B 72 -2.93 -30.41 2.81
N ILE B 73 -3.04 -29.12 2.50
CA ILE B 73 -1.90 -28.21 2.47
C ILE B 73 -1.29 -28.06 3.88
N VAL B 74 -2.14 -27.80 4.86
CA VAL B 74 -1.72 -27.70 6.27
C VAL B 74 -1.10 -29.00 6.80
N LYS B 75 -1.72 -30.13 6.48
CA LYS B 75 -1.17 -31.44 6.86
C LYS B 75 0.23 -31.65 6.28
N LYS B 76 0.38 -31.39 4.99
CA LYS B 76 1.65 -31.66 4.31
C LYS B 76 2.75 -30.67 4.69
N PHE B 77 2.42 -29.38 4.76
CA PHE B 77 3.44 -28.35 4.99
C PHE B 77 3.53 -27.87 6.42
N GLY B 78 2.51 -28.16 7.22
CA GLY B 78 2.50 -27.78 8.64
C GLY B 78 2.38 -26.28 8.88
N ARG B 79 2.10 -25.52 7.82
CA ARG B 79 1.98 -24.07 7.89
C ARG B 79 1.18 -23.52 6.70
N LEU B 80 0.57 -22.36 6.90
CA LEU B 80 -0.10 -21.61 5.84
C LEU B 80 0.09 -20.13 6.16
N ASP B 81 1.17 -19.56 5.63
CA ASP B 81 1.54 -18.18 5.95
C ASP B 81 0.66 -17.17 5.24
N VAL B 82 0.32 -17.46 3.98
CA VAL B 82 -0.41 -16.51 3.16
C VAL B 82 -1.49 -17.21 2.32
N LEU B 83 -2.65 -16.57 2.26
CA LEU B 83 -3.67 -16.92 1.28
C LEU B 83 -3.86 -15.73 0.34
N VAL B 84 -3.79 -15.99 -0.96
CA VAL B 84 -4.16 -14.97 -1.94
C VAL B 84 -5.40 -15.45 -2.69
N ASN B 85 -6.51 -14.74 -2.51
CA ASN B 85 -7.76 -15.05 -3.21
C ASN B 85 -7.75 -14.37 -4.58
N ASN B 86 -7.15 -15.06 -5.53
CA ASN B 86 -6.98 -14.53 -6.88
C ASN B 86 -8.13 -14.91 -7.80
N ALA B 87 -8.63 -16.14 -7.66
CA ALA B 87 -9.69 -16.67 -8.52
C ALA B 87 -10.87 -15.70 -8.64
N GLY B 88 -11.22 -15.32 -9.87
CA GLY B 88 -12.34 -14.41 -10.08
C GLY B 88 -12.70 -14.30 -11.54
N ILE B 89 -13.97 -13.99 -11.80
CA ILE B 89 -14.50 -13.93 -13.17
C ILE B 89 -15.35 -12.69 -13.40
N SER B 90 -15.35 -12.26 -14.65
CA SER B 90 -16.18 -11.16 -15.05
C SER B 90 -16.95 -11.59 -16.28
N LEU B 91 -18.27 -11.54 -16.17
CA LEU B 91 -19.14 -11.90 -17.28
C LEU B 91 -19.91 -10.65 -17.68
N SER B 92 -19.33 -9.91 -18.61
CA SER B 92 -19.83 -8.60 -18.98
C SER B 92 -20.89 -8.71 -20.06
N ASP B 93 -22.03 -8.07 -19.83
CA ASP B 93 -23.06 -7.93 -20.84
C ASP B 93 -23.25 -6.44 -21.12
N GLY B 94 -24.51 -6.02 -21.21
CA GLY B 94 -24.82 -4.63 -21.50
C GLY B 94 -25.26 -3.90 -20.26
N LEU B 95 -26.30 -3.09 -20.40
CA LEU B 95 -26.83 -2.30 -19.31
C LEU B 95 -27.50 -3.22 -18.27
N LEU B 96 -27.66 -2.69 -17.05
CA LEU B 96 -28.24 -3.44 -15.95
C LEU B 96 -29.53 -4.16 -16.32
N THR B 97 -30.39 -3.45 -17.05
CA THR B 97 -31.70 -3.97 -17.45
C THR B 97 -31.62 -5.19 -18.36
N GLU B 98 -30.50 -5.35 -19.06
CA GLU B 98 -30.28 -6.47 -19.99
C GLU B 98 -29.54 -7.66 -19.38
N THR B 99 -28.96 -7.46 -18.20
CA THR B 99 -28.08 -8.46 -17.60
C THR B 99 -28.82 -9.77 -17.26
N LYS B 100 -28.06 -10.86 -17.24
CA LYS B 100 -28.57 -12.19 -16.94
C LYS B 100 -28.34 -12.55 -15.47
N THR B 101 -29.39 -12.97 -14.80
CA THR B 101 -29.30 -13.44 -13.42
C THR B 101 -28.31 -14.60 -13.30
N THR B 102 -28.29 -15.52 -14.27
CA THR B 102 -27.32 -16.61 -14.25
C THR B 102 -25.87 -16.11 -14.25
N ASP B 103 -25.59 -15.03 -14.99
CA ASP B 103 -24.27 -14.40 -14.97
C ASP B 103 -23.94 -13.84 -13.57
N PHE B 104 -24.89 -13.12 -12.99
CA PHE B 104 -24.71 -12.55 -11.64
C PHE B 104 -24.41 -13.66 -10.64
N ASN B 105 -25.19 -14.74 -10.67
CA ASN B 105 -24.98 -15.86 -9.75
C ASN B 105 -23.62 -16.51 -9.93
N LYS B 106 -23.16 -16.64 -11.17
CA LYS B 106 -21.85 -17.23 -11.43
C LYS B 106 -20.76 -16.36 -10.80
N MET B 107 -20.86 -15.04 -11.01
CA MET B 107 -19.90 -14.10 -10.43
C MET B 107 -19.97 -14.07 -8.91
N ILE B 108 -21.18 -14.07 -8.35
CA ILE B 108 -21.36 -14.19 -6.90
C ILE B 108 -20.65 -15.44 -6.38
N ASN B 109 -20.94 -16.58 -7.01
CA ASN B 109 -20.36 -17.86 -6.62
C ASN B 109 -18.83 -17.86 -6.59
N THR B 110 -18.22 -17.45 -7.71
CA THR B 110 -16.76 -17.47 -7.80
C THR B 110 -16.15 -16.35 -6.96
N ASN B 111 -16.62 -15.12 -7.18
CA ASN B 111 -15.98 -13.93 -6.60
C ASN B 111 -16.26 -13.73 -5.11
N ILE B 112 -17.51 -13.92 -4.70
CA ILE B 112 -17.89 -13.72 -3.30
C ILE B 112 -17.72 -15.01 -2.51
N LEU B 113 -18.46 -16.04 -2.88
CA LEU B 113 -18.45 -17.30 -2.13
C LEU B 113 -17.08 -17.98 -2.13
N GLY B 114 -16.40 -18.00 -3.28
CA GLY B 114 -15.06 -18.60 -3.35
C GLY B 114 -14.08 -17.94 -2.41
N THR B 115 -14.12 -16.61 -2.36
CA THR B 115 -13.24 -15.85 -1.46
C THR B 115 -13.62 -16.13 -0.02
N TYR B 116 -14.93 -16.14 0.26
CA TYR B 116 -15.44 -16.48 1.59
C TYR B 116 -15.02 -17.88 2.06
N PHE B 117 -15.24 -18.89 1.21
CA PHE B 117 -14.84 -20.27 1.56
C PHE B 117 -13.34 -20.36 1.90
N CYS B 118 -12.49 -19.81 1.04
CA CYS B 118 -11.05 -19.86 1.29
C CYS B 118 -10.65 -19.13 2.57
N MET B 119 -11.21 -17.94 2.79
CA MET B 119 -11.00 -17.21 4.06
C MET B 119 -11.43 -18.04 5.27
N LYS B 120 -12.65 -18.57 5.20
CA LYS B 120 -13.25 -19.36 6.28
C LYS B 120 -12.32 -20.47 6.75
N TYR B 121 -11.83 -21.28 5.80
CA TYR B 121 -10.99 -22.43 6.16
C TYR B 121 -9.53 -22.08 6.43
N ALA B 122 -8.99 -21.08 5.73
CA ALA B 122 -7.64 -20.62 6.05
C ALA B 122 -7.58 -20.05 7.47
N LEU B 123 -8.61 -19.28 7.85
CA LEU B 123 -8.62 -18.62 9.17
C LEU B 123 -8.79 -19.60 10.31
N LYS B 124 -9.46 -20.72 10.06
CA LYS B 124 -9.56 -21.78 11.09
C LYS B 124 -8.16 -22.23 11.50
N HIS B 125 -7.25 -22.32 10.53
CA HIS B 125 -5.87 -22.72 10.76
C HIS B 125 -5.00 -21.59 11.29
N MET B 126 -5.11 -20.39 10.69
CA MET B 126 -4.31 -19.24 11.10
C MET B 126 -4.60 -18.79 12.54
N GLN B 127 -5.89 -18.87 12.91
CA GLN B 127 -6.42 -18.62 14.26
C GLN B 127 -5.64 -19.39 15.33
N LYS B 128 -5.27 -20.63 15.01
CA LYS B 128 -4.54 -21.50 15.96
C LYS B 128 -3.12 -21.05 16.26
N VAL B 129 -2.45 -20.44 15.28
CA VAL B 129 -1.07 -20.00 15.44
C VAL B 129 -0.93 -18.49 15.63
N SER B 130 -2.06 -17.78 15.64
CA SER B 130 -2.10 -16.32 15.79
C SER B 130 -1.16 -15.57 14.86
N CYS B 131 -1.13 -15.97 13.60
CA CYS B 131 -0.36 -15.28 12.56
C CYS B 131 -0.81 -15.73 11.19
N GLY B 132 -0.43 -14.96 10.17
CA GLY B 132 -0.89 -15.21 8.81
C GLY B 132 -1.32 -13.92 8.11
N ALA B 133 -1.44 -13.98 6.79
CA ALA B 133 -1.88 -12.85 6.00
C ALA B 133 -2.83 -13.34 4.92
N ILE B 134 -3.89 -12.58 4.67
CA ILE B 134 -4.78 -12.85 3.55
C ILE B 134 -4.79 -11.61 2.65
N VAL B 135 -4.67 -11.81 1.35
CA VAL B 135 -4.86 -10.70 0.42
C VAL B 135 -5.96 -11.09 -0.56
N ASN B 136 -7.03 -10.31 -0.57
CA ASN B 136 -8.13 -10.50 -1.50
C ASN B 136 -7.94 -9.60 -2.71
N ILE B 137 -8.49 -10.00 -3.84
CA ILE B 137 -8.45 -9.14 -5.02
C ILE B 137 -9.83 -8.56 -5.30
N SER B 138 -9.96 -7.26 -5.12
CA SER B 138 -11.17 -6.55 -5.43
C SER B 138 -10.99 -5.94 -6.83
N SER B 139 -11.22 -4.63 -6.98
CA SER B 139 -11.18 -3.94 -8.27
C SER B 139 -11.52 -2.48 -8.03
N ILE B 140 -11.16 -1.60 -8.97
CA ILE B 140 -11.68 -0.21 -8.93
C ILE B 140 -13.22 -0.21 -8.89
N THR B 141 -13.82 -1.23 -9.50
CA THR B 141 -15.28 -1.37 -9.55
C THR B 141 -15.87 -1.78 -8.19
N GLY B 142 -15.00 -2.17 -7.27
CA GLY B 142 -15.41 -2.44 -5.87
C GLY B 142 -15.47 -1.16 -5.03
N LEU B 143 -15.09 -0.04 -5.63
CA LEU B 143 -15.02 1.26 -4.93
C LEU B 143 -15.65 2.41 -5.71
N SER B 144 -16.28 2.09 -6.84
CA SER B 144 -16.87 3.10 -7.70
C SER B 144 -17.90 2.44 -8.59
N GLY B 145 -18.73 3.26 -9.23
CA GLY B 145 -19.75 2.77 -10.16
C GLY B 145 -19.22 2.77 -11.57
N PHE B 146 -19.31 1.63 -12.24
CA PHE B 146 -18.69 1.42 -13.54
C PHE B 146 -19.74 0.86 -14.51
N PRO B 147 -20.28 1.72 -15.40
CA PRO B 147 -21.28 1.27 -16.36
C PRO B 147 -20.82 0.01 -17.10
N TYR B 148 -21.76 -0.90 -17.33
CA TYR B 148 -21.52 -2.20 -18.02
C TYR B 148 -20.80 -3.23 -17.16
N SER B 149 -20.31 -2.81 -15.99
CA SER B 149 -19.68 -3.72 -15.03
C SER B 149 -20.31 -3.65 -13.64
N ILE B 150 -21.62 -3.39 -13.60
CA ILE B 150 -22.31 -3.14 -12.34
C ILE B 150 -22.30 -4.40 -11.49
N LEU B 151 -22.62 -5.53 -12.12
CA LEU B 151 -22.76 -6.76 -11.37
C LEU B 151 -21.39 -7.25 -10.87
N PHE B 152 -20.39 -7.21 -11.75
CA PHE B 152 -19.02 -7.50 -11.36
C PHE B 152 -18.60 -6.58 -10.21
N GLY B 153 -18.87 -5.28 -10.36
CA GLY B 153 -18.54 -4.29 -9.32
C GLY B 153 -19.19 -4.63 -7.99
N SER B 154 -20.42 -5.08 -8.05
CA SER B 154 -21.18 -5.47 -6.86
C SER B 154 -20.45 -6.59 -6.10
N THR B 155 -19.95 -7.60 -6.84
CA THR B 155 -19.23 -8.71 -6.21
C THR B 155 -17.92 -8.24 -5.61
N LYS B 156 -17.23 -7.32 -6.29
CA LYS B 156 -15.98 -6.78 -5.78
C LYS B 156 -16.16 -5.79 -4.61
N HIS B 157 -17.33 -5.12 -4.56
CA HIS B 157 -17.75 -4.39 -3.35
C HIS B 157 -17.89 -5.38 -2.19
N ALA B 158 -18.54 -6.50 -2.45
CA ALA B 158 -18.76 -7.53 -1.43
C ALA B 158 -17.43 -8.09 -0.94
N VAL B 159 -16.47 -8.24 -1.85
CA VAL B 159 -15.12 -8.67 -1.48
C VAL B 159 -14.47 -7.73 -0.44
N ILE B 160 -14.58 -6.42 -0.68
CA ILE B 160 -14.10 -5.43 0.29
C ILE B 160 -14.81 -5.61 1.64
N GLY B 161 -16.11 -5.88 1.62
CA GLY B 161 -16.87 -6.15 2.85
C GLY B 161 -16.29 -7.30 3.66
N LEU B 162 -15.98 -8.41 2.98
CA LEU B 162 -15.38 -9.56 3.66
C LEU B 162 -14.00 -9.21 4.18
N THR B 163 -13.26 -8.42 3.41
CA THR B 163 -11.91 -8.01 3.76
C THR B 163 -11.89 -7.18 5.05
N LYS B 164 -12.67 -6.10 5.06
CA LYS B 164 -12.72 -5.19 6.21
C LYS B 164 -13.33 -5.88 7.43
N GLY B 165 -14.42 -6.62 7.22
CA GLY B 165 -15.08 -7.36 8.31
C GLY B 165 -14.17 -8.32 9.04
N ALA B 166 -13.53 -9.20 8.28
CA ALA B 166 -12.58 -10.16 8.84
C ALA B 166 -11.35 -9.49 9.45
N ALA B 167 -10.86 -8.43 8.80
CA ALA B 167 -9.73 -7.68 9.36
C ALA B 167 -9.99 -7.24 10.80
N VAL B 168 -11.14 -6.59 11.01
CA VAL B 168 -11.47 -6.07 12.34
C VAL B 168 -11.67 -7.23 13.31
N GLU B 169 -12.34 -8.29 12.84
CA GLU B 169 -12.59 -9.49 13.65
C GLU B 169 -11.31 -10.24 14.07
N PHE B 170 -10.32 -10.32 13.19
CA PHE B 170 -9.09 -11.05 13.49
C PHE B 170 -7.87 -10.18 13.80
N ALA B 171 -8.09 -8.88 13.95
CA ALA B 171 -7.00 -7.94 14.17
C ALA B 171 -6.22 -8.23 15.46
N ASP B 172 -6.94 -8.59 16.52
CA ASP B 172 -6.30 -8.88 17.80
C ASP B 172 -5.65 -10.28 17.82
N LYS B 173 -5.88 -11.05 16.75
CA LYS B 173 -5.33 -12.40 16.63
C LYS B 173 -4.04 -12.46 15.79
N GLY B 174 -3.48 -11.30 15.46
CA GLY B 174 -2.20 -11.22 14.76
C GLY B 174 -2.23 -11.48 13.27
N ILE B 175 -3.42 -11.52 12.69
CA ILE B 175 -3.60 -11.88 11.28
C ILE B 175 -3.94 -10.62 10.48
N LYS B 176 -3.25 -10.41 9.36
CA LYS B 176 -3.47 -9.24 8.50
C LYS B 176 -4.34 -9.65 7.32
N ILE B 177 -5.36 -8.85 7.04
CA ILE B 177 -6.30 -9.16 5.98
C ILE B 177 -6.54 -7.88 5.21
N ASN B 178 -6.11 -7.88 3.96
CA ASN B 178 -6.16 -6.68 3.14
C ASN B 178 -6.63 -7.06 1.76
N ALA B 179 -6.85 -6.04 0.92
CA ALA B 179 -7.25 -6.28 -0.46
C ALA B 179 -6.49 -5.37 -1.40
N VAL B 180 -6.41 -5.77 -2.66
CA VAL B 180 -5.92 -4.87 -3.69
C VAL B 180 -7.07 -4.54 -4.62
N ALA B 181 -7.09 -3.31 -5.15
CA ALA B 181 -8.13 -2.87 -6.06
C ALA B 181 -7.48 -2.46 -7.38
N PRO B 182 -7.30 -3.41 -8.32
CA PRO B 182 -6.62 -3.06 -9.56
C PRO B 182 -7.53 -2.32 -10.52
N GLY B 183 -6.94 -1.45 -11.34
CA GLY B 183 -7.64 -0.88 -12.50
C GLY B 183 -7.65 -1.94 -13.59
N ILE B 184 -7.58 -1.51 -14.85
CA ILE B 184 -7.55 -2.46 -15.97
C ILE B 184 -6.14 -3.01 -16.15
N ILE B 185 -6.00 -4.33 -16.07
CA ILE B 185 -4.68 -4.97 -16.08
C ILE B 185 -4.47 -5.73 -17.38
N LYS B 186 -3.33 -5.52 -18.02
CA LYS B 186 -3.01 -6.19 -19.27
C LYS B 186 -2.57 -7.63 -19.05
N THR B 187 -3.55 -8.53 -19.04
CA THR B 187 -3.30 -9.95 -18.93
C THR B 187 -3.21 -10.54 -20.34
N GLU B 188 -2.87 -11.83 -20.45
CA GLU B 188 -2.83 -12.53 -21.75
C GLU B 188 -4.17 -12.38 -22.49
N THR B 189 -5.25 -12.51 -21.74
CA THR B 189 -6.61 -12.38 -22.28
C THR B 189 -6.83 -11.01 -22.93
N LEU B 190 -6.49 -9.95 -22.21
CA LEU B 190 -6.59 -8.60 -22.75
C LEU B 190 -5.61 -8.36 -23.90
N GLN B 191 -4.37 -8.83 -23.73
CA GLN B 191 -3.31 -8.67 -24.73
C GLN B 191 -3.70 -9.16 -26.11
N LYS B 192 -4.53 -10.20 -26.16
CA LYS B 192 -5.02 -10.74 -27.43
C LYS B 192 -6.30 -10.06 -27.91
N GLU B 193 -7.07 -9.51 -26.97
CA GLU B 193 -8.24 -8.67 -27.32
C GLU B 193 -7.79 -7.34 -27.91
N ILE B 194 -6.57 -6.95 -27.60
CA ILE B 194 -5.92 -5.80 -28.24
C ILE B 194 -5.33 -6.25 -29.58
N ASP B 195 -4.68 -7.42 -29.58
CA ASP B 195 -4.07 -8.01 -30.78
C ASP B 195 -5.08 -8.33 -31.89
N SER B 196 -6.29 -8.70 -31.50
CA SER B 196 -7.36 -9.00 -32.47
C SER B 196 -7.93 -7.72 -33.08
N GLY B 197 -7.78 -6.60 -32.37
CA GLY B 197 -8.22 -5.30 -32.88
C GLY B 197 -9.63 -4.91 -32.52
N GLU B 198 -10.25 -5.66 -31.59
CA GLU B 198 -11.57 -5.32 -31.08
C GLU B 198 -11.50 -4.20 -30.02
N PHE B 199 -10.28 -3.88 -29.61
CA PHE B 199 -10.00 -2.78 -28.69
C PHE B 199 -8.61 -2.21 -28.92
N SER B 200 -8.52 -0.87 -29.01
CA SER B 200 -7.25 -0.17 -29.03
C SER B 200 -6.71 -0.08 -27.60
N GLU B 201 -5.41 -0.22 -27.45
CA GLU B 201 -4.79 -0.11 -26.13
C GLU B 201 -4.93 1.31 -25.56
N ASP B 202 -4.67 2.31 -26.40
CA ASP B 202 -4.82 3.72 -26.02
C ASP B 202 -6.25 4.05 -25.61
N SER B 203 -7.21 3.46 -26.31
CA SER B 203 -8.64 3.65 -26.02
C SER B 203 -9.00 3.35 -24.57
N ILE B 204 -8.67 2.15 -24.09
CA ILE B 204 -9.06 1.74 -22.74
C ILE B 204 -8.10 2.19 -21.64
N SER B 205 -6.85 2.45 -21.99
CA SER B 205 -5.86 2.92 -21.00
C SER B 205 -6.09 4.38 -20.60
N SER B 206 -6.86 5.10 -21.41
CA SER B 206 -7.19 6.51 -21.16
C SER B 206 -8.08 6.73 -19.93
N ILE B 207 -8.71 5.66 -19.43
CA ILE B 207 -9.51 5.78 -18.21
C ILE B 207 -8.66 6.00 -16.95
N HIS B 208 -7.40 5.56 -16.99
CA HIS B 208 -6.44 5.82 -15.91
C HIS B 208 -5.74 7.17 -16.15
N PRO B 209 -5.67 8.01 -15.10
CA PRO B 209 -4.89 9.24 -15.19
C PRO B 209 -3.45 9.02 -15.68
N MET B 210 -2.83 7.89 -15.34
CA MET B 210 -1.48 7.59 -15.83
C MET B 210 -1.40 7.28 -17.32
N GLN B 211 -2.56 7.20 -17.99
CA GLN B 211 -2.63 6.98 -19.44
C GLN B 211 -1.85 5.74 -19.93
N LYS B 212 -1.88 4.69 -19.13
CA LYS B 212 -1.36 3.37 -19.50
C LYS B 212 -2.15 2.29 -18.75
N LEU B 213 -1.97 1.04 -19.15
CA LEU B 213 -2.64 -0.07 -18.46
C LEU B 213 -1.79 -0.54 -17.29
N GLY B 214 -2.43 -1.20 -16.34
CA GLY B 214 -1.68 -1.86 -15.28
C GLY B 214 -1.11 -3.16 -15.79
N THR B 215 -0.07 -3.63 -15.15
CA THR B 215 0.56 -4.90 -15.50
C THR B 215 0.31 -5.92 -14.39
N THR B 216 0.47 -7.20 -14.70
CA THR B 216 0.32 -8.22 -13.68
C THR B 216 1.38 -8.07 -12.57
N LEU B 217 2.56 -7.58 -12.93
CA LEU B 217 3.61 -7.32 -11.94
C LEU B 217 3.23 -6.20 -10.96
N ASP B 218 2.55 -5.16 -11.45
CA ASP B 218 2.04 -4.06 -10.60
C ASP B 218 1.22 -4.68 -9.48
N VAL B 219 0.29 -5.56 -9.85
CA VAL B 219 -0.64 -6.16 -8.89
C VAL B 219 0.11 -7.11 -7.93
N ALA B 220 0.98 -7.95 -8.50
CA ALA B 220 1.80 -8.90 -7.71
C ALA B 220 2.66 -8.22 -6.64
N LYS B 221 3.28 -7.11 -7.00
CA LYS B 221 4.07 -6.30 -6.08
C LYS B 221 3.22 -5.78 -4.92
N GLY B 222 2.02 -5.30 -5.24
CA GLY B 222 1.10 -4.79 -4.22
C GLY B 222 0.66 -5.90 -3.28
N ILE B 223 0.30 -7.05 -3.85
CA ILE B 223 -0.12 -8.20 -3.05
C ILE B 223 1.04 -8.68 -2.15
N TYR B 224 2.23 -8.79 -2.74
CA TYR B 224 3.39 -9.22 -1.97
C TYR B 224 3.68 -8.29 -0.80
N PHE B 225 3.59 -6.97 -1.04
CA PHE B 225 3.80 -5.98 0.02
C PHE B 225 2.85 -6.20 1.20
N LEU B 226 1.58 -6.47 0.89
CA LEU B 226 0.57 -6.63 1.95
C LEU B 226 0.67 -7.97 2.66
N ALA B 227 1.31 -8.94 1.99
CA ALA B 227 1.38 -10.32 2.50
C ALA B 227 2.65 -10.66 3.28
N ASN B 228 3.74 -9.93 3.03
CA ASN B 228 5.06 -10.34 3.53
C ASN B 228 5.24 -10.16 5.05
N GLU B 229 6.30 -10.76 5.59
CA GLU B 229 6.53 -10.78 7.04
C GLU B 229 6.80 -9.38 7.63
N ASP B 230 7.10 -8.42 6.77
CA ASP B 230 7.40 -7.05 7.22
C ASP B 230 6.15 -6.18 7.35
N ASN B 231 5.00 -6.71 6.94
CA ASN B 231 3.73 -6.07 7.27
C ASN B 231 3.28 -6.47 8.67
N ASN B 232 3.44 -5.54 9.61
CA ASN B 232 3.01 -5.74 10.99
C ASN B 232 1.79 -4.93 11.41
N PHE B 233 1.40 -3.95 10.60
CA PHE B 233 0.43 -2.94 11.07
C PHE B 233 -0.54 -2.47 10.00
N ILE B 234 -0.54 -3.13 8.85
CA ILE B 234 -1.51 -2.81 7.81
C ILE B 234 -2.55 -3.94 7.76
N THR B 235 -3.78 -3.60 8.13
CA THR B 235 -4.89 -4.54 8.02
C THR B 235 -6.21 -3.79 7.75
N GLY B 236 -7.15 -4.48 7.09
CA GLY B 236 -8.40 -3.85 6.67
C GLY B 236 -8.30 -2.82 5.56
N HIS B 237 -7.16 -2.79 4.87
CA HIS B 237 -6.90 -1.76 3.87
C HIS B 237 -7.11 -2.27 2.46
N VAL B 238 -7.55 -1.38 1.58
CA VAL B 238 -7.69 -1.69 0.17
C VAL B 238 -6.68 -0.83 -0.60
N LEU B 239 -5.66 -1.48 -1.13
CA LEU B 239 -4.60 -0.79 -1.86
C LEU B 239 -4.99 -0.64 -3.32
N SER B 240 -5.17 0.59 -3.79
CA SER B 240 -5.55 0.84 -5.19
C SER B 240 -4.32 0.72 -6.07
N ILE B 241 -4.42 -0.06 -7.14
CA ILE B 241 -3.30 -0.23 -8.07
C ILE B 241 -3.92 0.08 -9.43
N ASP B 242 -4.07 1.37 -9.69
CA ASP B 242 -5.07 1.83 -10.68
C ASP B 242 -4.65 3.05 -11.50
N GLY B 243 -3.34 3.35 -11.52
CA GLY B 243 -2.84 4.53 -12.26
C GLY B 243 -3.54 5.83 -11.90
N GLY B 244 -4.04 5.90 -10.66
CA GLY B 244 -4.68 7.11 -10.14
C GLY B 244 -6.19 7.18 -10.31
N TYR B 245 -6.78 6.12 -10.84
CA TYR B 245 -8.20 6.14 -11.19
C TYR B 245 -9.11 6.62 -10.05
N LEU B 246 -8.95 6.02 -8.87
CA LEU B 246 -9.86 6.31 -7.75
C LEU B 246 -9.59 7.65 -7.06
N SER B 247 -8.48 8.31 -7.41
CA SER B 247 -8.14 9.61 -6.82
C SER B 247 -8.84 10.79 -7.50
N GLN B 248 -9.48 10.51 -8.63
CA GLN B 248 -10.33 11.50 -9.28
C GLN B 248 -11.79 11.17 -8.99
#